data_6MJB
#
_entry.id   6MJB
#
_cell.length_a   71.632
_cell.length_b   71.632
_cell.length_c   122.258
_cell.angle_alpha   90.00
_cell.angle_beta   90.00
_cell.angle_gamma   120.00
#
_symmetry.space_group_name_H-M   'P 61'
#
loop_
_entity.id
_entity.type
_entity.pdbx_description
1 polymer 'Monopolin complex subunit CSM1'
2 polymer 'Kinetochore-associated protein DSN1'
3 water water
#
loop_
_entity_poly.entity_id
_entity_poly.type
_entity_poly.pdbx_seq_one_letter_code
_entity_poly.pdbx_strand_id
1 'polypeptide(L)'
;SNAETIEIIKDLFEHLCGVRVHRTYEDDTGLWFDTSQGSKNGIMDYKLGFVKSQAENTTEVDTEVIYVPLLKQRTAEELQ
ELQKKLPDYLFETLSFPLRSLNQFYIKMSKSLNKKV
;
A,B
2 'polypeptide(L)' GDKDNGLHAGETDGDDEGFEFRRHSNLGVPTLGERLDSLHEIKSARRMDHFNSSRNSLR C
#
# COMPACT_ATOMS: atom_id res chain seq x y z
N GLU A 4 6.06 -0.34 -17.69
CA GLU A 4 5.48 -0.63 -16.38
C GLU A 4 5.46 -2.13 -16.12
N THR A 5 6.17 -2.54 -15.07
CA THR A 5 6.21 -3.92 -14.63
C THR A 5 5.77 -3.99 -13.18
N ILE A 6 5.39 -5.20 -12.76
CA ILE A 6 4.94 -5.41 -11.39
C ILE A 6 6.08 -5.15 -10.41
N GLU A 7 7.31 -5.54 -10.77
CA GLU A 7 8.44 -5.26 -9.90
C GLU A 7 8.63 -3.75 -9.71
N ILE A 8 8.44 -2.97 -10.78
CA ILE A 8 8.63 -1.53 -10.67
C ILE A 8 7.59 -0.92 -9.74
N ILE A 9 6.34 -1.38 -9.82
CA ILE A 9 5.32 -0.86 -8.92
C ILE A 9 5.62 -1.28 -7.49
N LYS A 10 6.00 -2.55 -7.28
CA LYS A 10 6.27 -3.02 -5.92
C LYS A 10 7.41 -2.25 -5.28
N ASP A 11 8.47 -1.98 -6.06
CA ASP A 11 9.59 -1.16 -5.59
C ASP A 11 9.13 0.20 -5.12
N LEU A 12 8.33 0.88 -5.96
CA LEU A 12 7.81 2.19 -5.61
C LEU A 12 7.11 2.16 -4.26
N PHE A 13 6.16 1.25 -4.09
CA PHE A 13 5.37 1.33 -2.86
C PHE A 13 6.14 0.82 -1.65
N GLU A 14 7.14 -0.04 -1.86
CA GLU A 14 8.02 -0.38 -0.75
C GLU A 14 8.69 0.87 -0.19
N HIS A 15 9.27 1.68 -1.07
CA HIS A 15 9.95 2.88 -0.63
C HIS A 15 8.99 4.00 -0.28
N LEU A 16 7.78 3.99 -0.86
CA LEU A 16 6.84 5.09 -0.65
C LEU A 16 6.06 4.93 0.65
N CYS A 17 5.37 3.81 0.83
CA CYS A 17 4.56 3.62 2.03
C CYS A 17 5.00 2.42 2.86
N GLY A 18 6.20 1.90 2.63
CA GLY A 18 6.77 0.88 3.48
C GLY A 18 6.02 -0.43 3.54
N VAL A 19 5.48 -0.87 2.41
CA VAL A 19 4.72 -2.11 2.33
C VAL A 19 5.40 -3.00 1.29
N ARG A 20 5.69 -4.24 1.67
CA ARG A 20 6.19 -5.25 0.75
C ARG A 20 5.13 -6.33 0.58
N VAL A 21 5.01 -6.82 -0.64
CA VAL A 21 4.16 -7.96 -0.94
C VAL A 21 5.08 -9.13 -1.25
N HIS A 22 4.91 -10.23 -0.52
CA HIS A 22 5.82 -11.35 -0.64
C HIS A 22 5.22 -12.46 -1.51
N ARG A 23 4.16 -13.09 -1.02
CA ARG A 23 3.49 -14.16 -1.74
C ARG A 23 2.04 -13.77 -1.95
N THR A 24 1.51 -14.14 -3.11
CA THR A 24 0.12 -13.92 -3.44
C THR A 24 -0.49 -15.20 -4.01
N TYR A 25 -1.80 -15.32 -3.86
CA TYR A 25 -2.53 -16.41 -4.47
C TYR A 25 -4.01 -16.05 -4.55
N GLU A 26 -4.68 -16.65 -5.53
CA GLU A 26 -6.13 -16.61 -5.62
C GLU A 26 -6.69 -18.00 -5.42
N ASP A 27 -7.53 -18.16 -4.41
CA ASP A 27 -8.28 -19.41 -4.26
C ASP A 27 -9.76 -19.13 -4.53
N ASP A 28 -10.61 -20.08 -4.13
CA ASP A 28 -12.04 -19.95 -4.38
C ASP A 28 -12.69 -18.86 -3.55
N THR A 29 -12.10 -18.47 -2.42
CA THR A 29 -12.72 -17.44 -1.60
C THR A 29 -12.38 -16.04 -2.09
N GLY A 30 -11.17 -15.83 -2.62
CA GLY A 30 -10.77 -14.52 -3.10
C GLY A 30 -9.29 -14.36 -3.39
N LEU A 31 -8.82 -13.11 -3.32
CA LEU A 31 -7.43 -12.75 -3.58
C LEU A 31 -6.71 -12.55 -2.25
N TRP A 32 -5.48 -13.04 -2.16
CA TRP A 32 -4.74 -13.05 -0.89
C TRP A 32 -3.31 -12.57 -1.08
N PHE A 33 -2.80 -11.85 -0.07
CA PHE A 33 -1.49 -11.21 -0.17
C PHE A 33 -0.76 -11.36 1.15
N ASP A 34 0.35 -12.09 1.14
CA ASP A 34 1.26 -12.10 2.29
C ASP A 34 2.04 -10.80 2.26
N THR A 35 1.84 -9.97 3.27
CA THR A 35 2.21 -8.56 3.25
C THR A 35 3.10 -8.24 4.44
N SER A 36 3.97 -7.26 4.27
CA SER A 36 4.86 -6.80 5.33
C SER A 36 4.85 -5.28 5.33
N GLN A 37 4.79 -4.69 6.53
CA GLN A 37 4.66 -3.24 6.68
C GLN A 37 5.55 -2.75 7.81
N GLY A 38 6.23 -1.64 7.59
CA GLY A 38 6.88 -0.95 8.68
C GLY A 38 8.22 -0.40 8.27
N SER A 39 9.07 -0.20 9.27
CA SER A 39 10.33 0.50 9.09
C SER A 39 11.28 0.07 10.21
N LYS A 40 12.37 0.84 10.40
CA LYS A 40 13.32 0.54 11.48
C LYS A 40 12.60 0.43 12.83
N ASN A 41 11.57 1.25 13.06
CA ASN A 41 10.93 1.29 14.37
C ASN A 41 10.24 -0.03 14.69
N GLY A 42 9.64 -0.66 13.69
CA GLY A 42 8.87 -1.87 13.92
C GLY A 42 8.28 -2.41 12.64
N ILE A 43 8.19 -3.73 12.53
CA ILE A 43 7.68 -4.40 11.34
C ILE A 43 6.60 -5.39 11.75
N MET A 44 5.51 -5.41 10.97
CA MET A 44 4.43 -6.37 11.17
C MET A 44 4.17 -7.08 9.86
N ASP A 45 4.15 -8.41 9.90
CA ASP A 45 3.75 -9.20 8.74
C ASP A 45 2.29 -9.58 8.89
N TYR A 46 1.55 -9.60 7.79
CA TYR A 46 0.17 -9.99 7.88
C TYR A 46 -0.37 -10.39 6.52
N LYS A 47 -1.51 -11.04 6.55
CA LYS A 47 -2.22 -11.51 5.38
C LYS A 47 -3.41 -10.61 5.15
N LEU A 48 -3.58 -10.13 3.92
CA LEU A 48 -4.79 -9.45 3.48
C LEU A 48 -5.52 -10.33 2.49
N GLY A 49 -6.79 -10.60 2.75
CA GLY A 49 -7.66 -11.30 1.81
C GLY A 49 -8.85 -10.46 1.40
N PHE A 50 -9.16 -10.47 0.10
CA PHE A 50 -10.26 -9.68 -0.46
C PHE A 50 -11.31 -10.64 -0.96
N VAL A 51 -12.45 -10.71 -0.27
CA VAL A 51 -13.50 -11.65 -0.61
C VAL A 51 -14.72 -10.85 -1.06
N LYS A 52 -15.16 -11.09 -2.29
CA LYS A 52 -16.25 -10.33 -2.88
C LYS A 52 -17.56 -11.07 -2.66
N SER A 53 -18.60 -10.31 -2.29
CA SER A 53 -19.96 -10.85 -2.18
C SER A 53 -20.95 -9.88 -2.82
N VAL A 61 -22.39 -5.95 -5.73
CA VAL A 61 -21.24 -6.69 -5.22
C VAL A 61 -20.38 -5.84 -4.27
N ASP A 62 -20.22 -6.31 -3.03
CA ASP A 62 -19.39 -5.64 -2.05
C ASP A 62 -18.12 -6.46 -1.78
N THR A 63 -17.05 -5.77 -1.40
CA THR A 63 -15.76 -6.40 -1.15
C THR A 63 -15.41 -6.31 0.32
N GLU A 64 -15.11 -7.45 0.92
CA GLU A 64 -14.64 -7.51 2.30
C GLU A 64 -13.15 -7.81 2.33
N VAL A 65 -12.48 -7.26 3.33
CA VAL A 65 -11.06 -7.49 3.57
C VAL A 65 -10.91 -8.31 4.83
N ILE A 66 -10.12 -9.37 4.76
CA ILE A 66 -9.77 -10.17 5.93
C ILE A 66 -8.31 -9.91 6.25
N TYR A 67 -8.04 -9.54 7.49
CA TYR A 67 -6.71 -9.24 7.98
C TYR A 67 -6.27 -10.36 8.91
N VAL A 68 -5.16 -11.00 8.59
CA VAL A 68 -4.66 -12.10 9.40
C VAL A 68 -3.25 -11.77 9.89
N PRO A 69 -3.06 -11.57 11.18
CA PRO A 69 -1.71 -11.30 11.71
C PRO A 69 -0.83 -12.54 11.65
N LEU A 70 0.47 -12.33 11.39
CA LEU A 70 1.45 -13.40 11.19
C LEU A 70 2.66 -13.16 12.10
N LEU A 71 2.74 -13.85 13.22
CA LEU A 71 3.79 -13.57 14.20
C LEU A 71 5.04 -14.43 14.06
N LYS A 72 5.09 -15.36 13.10
CA LYS A 72 6.18 -16.36 13.10
C LYS A 72 7.53 -15.70 12.86
N GLN A 73 7.60 -14.75 11.92
CA GLN A 73 8.89 -14.13 11.59
C GLN A 73 9.44 -13.28 12.72
N ARG A 74 8.61 -12.95 13.72
CA ARG A 74 9.03 -12.03 14.78
C ARG A 74 9.85 -12.75 15.84
N THR A 75 10.97 -12.14 16.20
CA THR A 75 11.75 -12.67 17.30
C THR A 75 11.06 -12.35 18.63
N ALA A 76 11.54 -13.00 19.69
CA ALA A 76 10.90 -12.83 20.99
C ALA A 76 10.94 -11.38 21.44
N GLU A 77 12.00 -10.65 21.09
CA GLU A 77 12.11 -9.26 21.55
C GLU A 77 11.20 -8.34 20.74
N GLU A 78 11.12 -8.51 19.42
CA GLU A 78 10.30 -7.58 18.67
C GLU A 78 8.81 -7.83 18.84
N LEU A 79 8.42 -8.99 19.36
CA LEU A 79 7.00 -9.16 19.67
C LEU A 79 6.64 -8.63 21.05
N GLN A 80 7.59 -8.52 21.99
CA GLN A 80 7.21 -7.82 23.21
C GLN A 80 7.13 -6.32 22.97
N GLU A 81 7.87 -5.78 21.99
CA GLU A 81 7.62 -4.41 21.56
C GLU A 81 6.29 -4.31 20.83
N LEU A 82 5.98 -5.30 19.99
CA LEU A 82 4.72 -5.31 19.27
C LEU A 82 3.54 -5.31 20.23
N GLN A 83 3.65 -6.12 21.30
CA GLN A 83 2.63 -6.16 22.34
C GLN A 83 2.34 -4.78 22.92
N LYS A 84 3.35 -3.92 23.03
CA LYS A 84 3.13 -2.58 23.58
C LYS A 84 2.56 -1.64 22.54
N LYS A 85 3.00 -1.77 21.30
CA LYS A 85 2.60 -0.81 20.28
C LYS A 85 1.22 -1.12 19.71
N LEU A 86 0.81 -2.40 19.66
CA LEU A 86 -0.39 -2.73 18.88
C LEU A 86 -1.64 -2.77 19.75
N PRO A 87 -2.74 -2.14 19.31
CA PRO A 87 -4.06 -2.46 19.89
C PRO A 87 -4.37 -3.95 19.82
N ASP A 88 -5.30 -4.45 20.64
CA ASP A 88 -5.59 -5.88 20.65
C ASP A 88 -6.16 -6.36 19.31
N TYR A 89 -7.00 -5.55 18.65
CA TYR A 89 -7.64 -6.03 17.43
C TYR A 89 -6.63 -6.30 16.32
N LEU A 90 -5.45 -5.66 16.35
CA LEU A 90 -4.42 -5.95 15.36
C LEU A 90 -3.65 -7.22 15.68
N PHE A 91 -3.85 -7.79 16.87
CA PHE A 91 -3.40 -9.15 17.15
C PHE A 91 -4.45 -10.21 16.85
N GLU A 92 -5.61 -9.82 16.33
CA GLU A 92 -6.62 -10.82 16.02
C GLU A 92 -7.04 -10.72 14.56
N THR A 93 -7.59 -11.81 14.02
CA THR A 93 -8.05 -11.85 12.64
C THR A 93 -9.29 -10.98 12.49
N LEU A 94 -9.25 -10.05 11.54
CA LEU A 94 -10.31 -9.07 11.38
C LEU A 94 -10.97 -9.20 10.00
N SER A 95 -12.23 -8.81 9.94
CA SER A 95 -12.94 -8.58 8.70
C SER A 95 -13.38 -7.11 8.66
N PHE A 96 -13.16 -6.45 7.53
CA PHE A 96 -13.68 -5.09 7.40
C PHE A 96 -13.94 -4.75 5.95
N PRO A 97 -14.84 -3.82 5.68
CA PRO A 97 -15.14 -3.45 4.30
C PRO A 97 -13.94 -2.79 3.64
N LEU A 98 -13.92 -2.86 2.31
CA LEU A 98 -12.78 -2.37 1.55
C LEU A 98 -12.55 -0.87 1.76
N ARG A 99 -13.62 -0.11 2.02
CA ARG A 99 -13.48 1.34 2.18
C ARG A 99 -12.64 1.73 3.39
N SER A 100 -12.38 0.81 4.31
CA SER A 100 -11.61 1.11 5.50
C SER A 100 -10.15 0.64 5.41
N LEU A 101 -9.72 0.15 4.26
CA LEU A 101 -8.36 -0.39 4.16
C LEU A 101 -7.31 0.67 4.45
N ASN A 102 -7.42 1.84 3.83
CA ASN A 102 -6.46 2.90 4.11
C ASN A 102 -6.47 3.29 5.59
N GLN A 103 -7.64 3.43 6.19
CA GLN A 103 -7.73 3.64 7.64
C GLN A 103 -6.95 2.58 8.40
N PHE A 104 -7.10 1.31 7.99
CA PHE A 104 -6.33 0.22 8.59
C PHE A 104 -4.83 0.47 8.46
N TYR A 105 -4.37 0.80 7.24
CA TYR A 105 -2.95 1.06 7.03
C TYR A 105 -2.45 2.17 7.96
N ILE A 106 -3.22 3.26 8.07
CA ILE A 106 -2.82 4.38 8.92
C ILE A 106 -2.77 3.93 10.39
N LYS A 107 -3.77 3.16 10.82
CA LYS A 107 -3.71 2.62 12.18
C LYS A 107 -2.45 1.79 12.39
N MET A 108 -2.10 0.96 11.41
CA MET A 108 -0.93 0.09 11.58
C MET A 108 0.36 0.88 11.54
N SER A 109 0.43 1.88 10.65
CA SER A 109 1.57 2.78 10.60
C SER A 109 1.79 3.47 11.94
N LYS A 110 0.76 4.14 12.46
CA LYS A 110 0.88 4.83 13.73
C LYS A 110 1.27 3.89 14.86
N SER A 111 0.71 2.67 14.86
CA SER A 111 1.04 1.72 15.91
C SER A 111 2.49 1.28 15.82
N LEU A 112 2.96 0.95 14.62
CA LEU A 112 4.35 0.55 14.48
C LEU A 112 5.29 1.68 14.82
N ASN A 113 4.92 2.93 14.48
CA ASN A 113 5.81 4.07 14.64
C ASN A 113 5.97 4.49 16.09
N LYS A 114 5.03 4.14 16.96
CA LYS A 114 5.15 4.43 18.40
C LYS A 114 6.53 4.11 18.96
N ASN B 2 -9.75 -5.38 -13.34
CA ASN B 2 -8.78 -5.91 -12.38
C ASN B 2 -8.35 -7.32 -12.77
N ALA B 3 -8.36 -7.62 -14.07
CA ALA B 3 -7.98 -8.97 -14.53
C ALA B 3 -6.46 -9.17 -14.45
N GLU B 4 -5.69 -8.27 -15.03
CA GLU B 4 -4.24 -8.44 -15.07
C GLU B 4 -3.63 -8.32 -13.68
N THR B 5 -2.63 -9.15 -13.42
CA THR B 5 -1.97 -9.16 -12.11
C THR B 5 -1.47 -7.77 -11.73
N ILE B 6 -0.92 -7.01 -12.70
CA ILE B 6 -0.37 -5.71 -12.33
C ILE B 6 -1.48 -4.75 -11.93
N GLU B 7 -2.66 -4.87 -12.56
CA GLU B 7 -3.77 -4.04 -12.13
C GLU B 7 -4.21 -4.40 -10.72
N ILE B 8 -4.14 -5.68 -10.35
CA ILE B 8 -4.53 -6.13 -9.02
C ILE B 8 -3.58 -5.55 -7.99
N ILE B 9 -2.29 -5.55 -8.29
CA ILE B 9 -1.29 -5.00 -7.39
C ILE B 9 -1.50 -3.50 -7.21
N LYS B 10 -1.68 -2.78 -8.33
CA LYS B 10 -1.89 -1.33 -8.22
C LYS B 10 -3.20 -1.00 -7.51
N ASP B 11 -4.25 -1.79 -7.76
CA ASP B 11 -5.49 -1.59 -7.00
C ASP B 11 -5.26 -1.79 -5.51
N LEU B 12 -4.45 -2.78 -5.14
CA LEU B 12 -4.17 -3.02 -3.73
C LEU B 12 -3.50 -1.81 -3.08
N PHE B 13 -2.46 -1.27 -3.72
CA PHE B 13 -1.76 -0.14 -3.13
C PHE B 13 -2.60 1.13 -3.15
N GLU B 14 -3.46 1.30 -4.16
CA GLU B 14 -4.34 2.46 -4.19
C GLU B 14 -5.29 2.46 -3.01
N HIS B 15 -5.85 1.30 -2.68
CA HIS B 15 -6.76 1.20 -1.55
C HIS B 15 -6.03 1.17 -0.22
N LEU B 16 -4.79 0.67 -0.21
CA LEU B 16 -4.07 0.52 1.05
C LEU B 16 -3.34 1.81 1.41
N CYS B 17 -2.51 2.31 0.50
CA CYS B 17 -1.67 3.48 0.72
C CYS B 17 -2.32 4.77 0.24
N GLY B 18 -3.43 4.69 -0.48
CA GLY B 18 -4.11 5.89 -0.92
C GLY B 18 -3.49 6.60 -2.09
N VAL B 19 -2.60 5.93 -2.83
CA VAL B 19 -1.88 6.49 -3.97
C VAL B 19 -2.29 5.74 -5.22
N ARG B 20 -2.76 6.48 -6.22
CA ARG B 20 -3.04 5.93 -7.54
C ARG B 20 -1.93 6.32 -8.51
N VAL B 21 -1.37 5.34 -9.22
CA VAL B 21 -0.38 5.59 -10.26
C VAL B 21 -1.09 5.62 -11.62
N HIS B 22 -1.10 6.80 -12.24
CA HIS B 22 -1.80 7.00 -13.50
C HIS B 22 -0.94 6.65 -14.71
N ARG B 23 0.38 6.74 -14.57
CA ARG B 23 1.28 6.47 -15.68
C ARG B 23 2.65 6.15 -15.11
N THR B 24 3.38 5.30 -15.81
CA THR B 24 4.77 4.97 -15.51
C THR B 24 5.55 5.06 -16.81
N TYR B 25 6.70 5.71 -16.78
CA TYR B 25 7.49 5.85 -17.99
C TYR B 25 8.92 6.22 -17.60
N GLU B 26 9.83 5.94 -18.52
CA GLU B 26 11.23 6.32 -18.38
C GLU B 26 11.69 6.99 -19.67
N ASP B 27 12.15 8.23 -19.55
CA ASP B 27 12.77 8.99 -20.64
C ASP B 27 14.18 9.43 -20.19
N ASP B 28 14.78 10.33 -20.95
CA ASP B 28 16.13 10.78 -20.63
C ASP B 28 16.19 11.59 -19.35
N THR B 29 15.08 11.86 -18.68
CA THR B 29 15.10 12.57 -17.41
C THR B 29 14.86 11.66 -16.21
N GLY B 30 14.83 10.35 -16.41
CA GLY B 30 14.68 9.40 -15.34
C GLY B 30 13.41 8.57 -15.44
N LEU B 31 13.12 7.87 -14.35
CA LEU B 31 11.93 7.06 -14.21
C LEU B 31 10.87 7.83 -13.46
N TRP B 32 9.67 7.95 -14.05
CA TRP B 32 8.65 8.87 -13.56
C TRP B 32 7.33 8.18 -13.29
N PHE B 33 6.65 8.63 -12.24
CA PHE B 33 5.29 8.22 -11.91
C PHE B 33 4.38 9.44 -11.82
N ASP B 34 3.36 9.48 -12.67
CA ASP B 34 2.28 10.46 -12.55
C ASP B 34 1.24 9.91 -11.57
N THR B 35 1.11 10.55 -10.40
CA THR B 35 0.34 9.96 -9.30
C THR B 35 -0.71 10.92 -8.76
N SER B 36 -1.65 10.34 -8.02
CA SER B 36 -2.55 11.07 -7.15
C SER B 36 -2.55 10.39 -5.78
N GLN B 37 -2.62 11.17 -4.73
CA GLN B 37 -2.70 10.64 -3.37
C GLN B 37 -3.83 11.37 -2.66
N GLY B 38 -4.71 10.62 -2.01
CA GLY B 38 -5.74 11.26 -1.23
C GLY B 38 -6.98 10.39 -1.14
N SER B 39 -8.06 11.06 -0.76
CA SER B 39 -9.32 10.39 -0.44
C SER B 39 -10.42 11.44 -0.39
N LYS B 40 -11.41 11.25 0.49
CA LYS B 40 -12.44 12.27 0.63
C LYS B 40 -11.85 13.59 1.14
N ASN B 41 -10.84 13.52 2.01
CA ASN B 41 -10.37 14.71 2.70
C ASN B 41 -9.62 15.66 1.77
N GLY B 42 -9.09 15.14 0.67
CA GLY B 42 -8.39 15.97 -0.29
C GLY B 42 -7.48 15.14 -1.17
N ILE B 43 -7.21 15.60 -2.38
CA ILE B 43 -6.35 14.89 -3.31
C ILE B 43 -5.22 15.82 -3.72
N MET B 44 -4.02 15.30 -3.78
CA MET B 44 -2.87 15.98 -4.33
C MET B 44 -2.36 15.22 -5.55
N ASP B 45 -2.29 15.90 -6.69
CA ASP B 45 -1.67 15.36 -7.90
C ASP B 45 -0.18 15.70 -7.93
N TYR B 46 0.65 14.72 -8.26
CA TYR B 46 2.08 15.01 -8.38
C TYR B 46 2.79 13.91 -9.14
N LYS B 47 3.95 14.28 -9.68
CA LYS B 47 4.88 13.37 -10.34
C LYS B 47 6.00 13.03 -9.37
N LEU B 48 6.36 11.75 -9.32
CA LEU B 48 7.57 11.31 -8.62
C LEU B 48 8.58 10.89 -9.67
N GLY B 49 9.78 11.44 -9.58
CA GLY B 49 10.86 11.10 -10.49
C GLY B 49 11.99 10.45 -9.71
N PHE B 50 12.61 9.45 -10.31
CA PHE B 50 13.76 8.77 -9.71
C PHE B 50 14.93 8.92 -10.66
N VAL B 51 15.95 9.63 -10.19
CA VAL B 51 17.13 9.91 -10.99
C VAL B 51 18.22 9.01 -10.46
N LYS B 52 18.51 7.95 -11.20
CA LYS B 52 19.54 7.01 -10.81
C LYS B 52 20.88 7.56 -11.26
N SER B 53 21.81 7.70 -10.33
CA SER B 53 23.20 8.00 -10.68
C SER B 53 24.05 6.79 -10.27
N GLN B 54 24.93 6.36 -11.18
CA GLN B 54 25.81 5.26 -10.89
C GLN B 54 26.77 5.61 -9.75
N ALA B 55 26.87 4.70 -8.78
CA ALA B 55 27.78 4.88 -7.67
C ALA B 55 29.23 4.70 -8.12
N GLU B 56 30.14 5.19 -7.28
CA GLU B 56 31.56 5.17 -7.62
C GLU B 56 32.12 3.75 -7.65
N ASN B 57 31.75 2.92 -6.67
CA ASN B 57 32.43 1.65 -6.47
C ASN B 57 31.48 0.45 -6.49
N THR B 58 30.25 0.59 -6.99
CA THR B 58 29.31 -0.50 -6.89
C THR B 58 28.23 -0.37 -7.95
N THR B 59 27.65 -1.52 -8.32
CA THR B 59 26.49 -1.57 -9.19
C THR B 59 25.25 -1.01 -8.50
N GLU B 60 25.25 -0.94 -7.17
CA GLU B 60 24.10 -0.41 -6.43
C GLU B 60 23.96 1.07 -6.74
N VAL B 61 22.88 1.42 -7.43
CA VAL B 61 22.67 2.78 -7.91
C VAL B 61 22.34 3.71 -6.73
N ASP B 62 22.75 4.96 -6.84
CA ASP B 62 22.26 6.02 -5.97
C ASP B 62 21.02 6.63 -6.59
N THR B 63 19.96 6.78 -5.82
CA THR B 63 18.72 7.30 -6.36
C THR B 63 18.35 8.61 -5.69
N GLU B 64 18.10 9.63 -6.50
CA GLU B 64 17.54 10.89 -6.03
C GLU B 64 16.09 10.98 -6.49
N VAL B 65 15.20 11.40 -5.59
CA VAL B 65 13.78 11.53 -5.90
C VAL B 65 13.46 12.98 -6.23
N ILE B 66 12.73 13.19 -7.31
CA ILE B 66 12.25 14.50 -7.70
C ILE B 66 10.75 14.51 -7.57
N TYR B 67 10.24 15.42 -6.74
CA TYR B 67 8.82 15.64 -6.53
C TYR B 67 8.39 16.88 -7.28
N VAL B 68 7.43 16.72 -8.19
CA VAL B 68 6.88 17.81 -8.96
C VAL B 68 5.38 17.89 -8.69
N PRO B 69 4.93 18.86 -7.91
CA PRO B 69 3.49 19.02 -7.69
C PRO B 69 2.80 19.50 -8.96
N LEU B 70 1.54 19.09 -9.11
CA LEU B 70 0.75 19.41 -10.30
C LEU B 70 -0.45 20.23 -9.83
N LEU B 71 -0.35 21.54 -9.96
CA LEU B 71 -1.41 22.44 -9.54
C LEU B 71 -2.16 23.05 -10.71
N LYS B 72 -1.60 22.97 -11.92
CA LYS B 72 -2.13 23.74 -13.04
C LYS B 72 -3.56 23.35 -13.39
N GLN B 73 -3.93 22.09 -13.17
CA GLN B 73 -5.26 21.63 -13.54
C GLN B 73 -6.21 21.57 -12.37
N ARG B 74 -5.80 22.06 -11.19
CA ARG B 74 -6.70 22.13 -10.05
C ARG B 74 -7.46 23.46 -10.05
N THR B 75 -8.67 23.42 -9.51
CA THR B 75 -9.44 24.65 -9.36
C THR B 75 -8.83 25.55 -8.29
N ALA B 76 -9.14 26.84 -8.37
CA ALA B 76 -8.69 27.73 -7.33
C ALA B 76 -9.28 27.35 -5.97
N GLU B 77 -10.55 26.93 -5.96
CA GLU B 77 -11.17 26.51 -4.69
C GLU B 77 -10.43 25.33 -4.07
N GLU B 78 -10.16 24.28 -4.86
CA GLU B 78 -9.40 23.15 -4.33
C GLU B 78 -8.00 23.57 -3.93
N LEU B 79 -7.42 24.53 -4.66
CA LEU B 79 -6.05 24.95 -4.39
C LEU B 79 -5.96 25.71 -3.07
N GLN B 80 -7.00 26.45 -2.70
CA GLN B 80 -6.98 27.09 -1.40
C GLN B 80 -7.32 26.13 -0.28
N GLU B 81 -8.04 25.05 -0.56
CA GLU B 81 -8.24 24.05 0.49
C GLU B 81 -6.94 23.34 0.81
N LEU B 82 -6.12 23.07 -0.19
CA LEU B 82 -4.83 22.42 0.06
C LEU B 82 -3.87 23.36 0.77
N GLN B 83 -3.90 24.66 0.44
CA GLN B 83 -2.96 25.61 1.03
C GLN B 83 -3.10 25.66 2.56
N LYS B 84 -4.30 25.45 3.09
CA LYS B 84 -4.45 25.41 4.54
C LYS B 84 -3.89 24.13 5.15
N LYS B 85 -3.92 23.02 4.41
CA LYS B 85 -3.47 21.75 4.96
C LYS B 85 -1.98 21.51 4.75
N LEU B 86 -1.43 21.94 3.61
CA LEU B 86 -0.11 21.48 3.21
C LEU B 86 0.94 22.59 3.37
N PRO B 87 2.12 22.25 3.87
CA PRO B 87 3.21 23.23 3.98
C PRO B 87 3.65 23.73 2.61
N ASP B 88 4.25 24.92 2.60
CA ASP B 88 4.55 25.61 1.35
C ASP B 88 5.43 24.77 0.42
N TYR B 89 6.39 24.03 0.98
CA TYR B 89 7.34 23.31 0.13
C TYR B 89 6.65 22.22 -0.70
N LEU B 90 5.47 21.75 -0.30
CA LEU B 90 4.76 20.76 -1.11
C LEU B 90 4.10 21.35 -2.36
N PHE B 91 4.12 22.68 -2.50
CA PHE B 91 3.69 23.39 -3.70
C PHE B 91 4.86 23.76 -4.60
N GLU B 92 6.05 23.33 -4.24
CA GLU B 92 7.25 23.56 -5.03
C GLU B 92 7.86 22.23 -5.45
N THR B 93 8.69 22.28 -6.50
CA THR B 93 9.49 21.14 -6.88
C THR B 93 10.56 20.89 -5.83
N LEU B 94 10.63 19.66 -5.35
CA LEU B 94 11.55 19.27 -4.31
C LEU B 94 12.43 18.12 -4.80
N SER B 95 13.61 18.00 -4.22
CA SER B 95 14.47 16.85 -4.44
C SER B 95 15.02 16.40 -3.10
N PHE B 96 15.13 15.07 -2.94
CA PHE B 96 15.57 14.44 -1.70
C PHE B 96 15.98 12.99 -1.97
N PRO B 97 16.81 12.38 -1.12
CA PRO B 97 17.26 11.01 -1.38
C PRO B 97 16.12 9.99 -1.28
N LEU B 98 16.27 8.88 -2.02
CA LEU B 98 15.27 7.81 -1.98
C LEU B 98 14.94 7.39 -0.56
N ARG B 99 15.94 7.36 0.32
CA ARG B 99 15.70 6.92 1.70
C ARG B 99 14.68 7.80 2.43
N SER B 100 14.44 9.03 1.97
CA SER B 100 13.49 9.92 2.63
C SER B 100 12.09 9.82 2.04
N LEU B 101 11.90 8.95 1.05
CA LEU B 101 10.63 8.87 0.35
C LEU B 101 9.47 8.51 1.29
N ASN B 102 9.67 7.58 2.23
CA ASN B 102 8.58 7.25 3.12
C ASN B 102 8.19 8.43 4.01
N GLN B 103 9.19 9.17 4.54
CA GLN B 103 8.91 10.39 5.29
C GLN B 103 8.15 11.41 4.44
N PHE B 104 8.51 11.55 3.16
CA PHE B 104 7.73 12.42 2.29
C PHE B 104 6.28 11.96 2.22
N TYR B 105 6.05 10.65 2.05
CA TYR B 105 4.70 10.12 1.93
C TYR B 105 3.91 10.34 3.21
N ILE B 106 4.55 10.09 4.35
CA ILE B 106 3.91 10.31 5.64
C ILE B 106 3.55 11.78 5.80
N LYS B 107 4.46 12.67 5.41
CA LYS B 107 4.18 14.10 5.54
C LYS B 107 3.05 14.49 4.62
N MET B 108 3.04 13.95 3.40
CA MET B 108 1.91 14.16 2.50
C MET B 108 0.61 13.63 3.12
N SER B 109 0.64 12.41 3.66
CA SER B 109 -0.58 11.77 4.16
C SER B 109 -1.17 12.54 5.34
N LYS B 110 -0.34 12.95 6.29
CA LYS B 110 -0.86 13.70 7.44
C LYS B 110 -1.39 15.06 7.03
N SER B 111 -0.81 15.66 6.00
CA SER B 111 -1.33 16.94 5.53
C SER B 111 -2.70 16.77 4.90
N LEU B 112 -2.85 15.78 4.03
CA LEU B 112 -4.12 15.59 3.35
C LEU B 112 -5.21 15.21 4.33
N ASN B 113 -4.87 14.46 5.41
CA ASN B 113 -5.87 14.06 6.39
C ASN B 113 -6.19 15.17 7.40
N LYS B 114 -5.51 16.31 7.36
CA LYS B 114 -5.89 17.46 8.16
C LYS B 114 -7.19 18.03 7.63
N ASP C 16 -22.20 -33.18 -24.78
CA ASP C 16 -21.92 -31.81 -25.18
C ASP C 16 -22.98 -30.79 -24.67
N GLU C 17 -22.95 -30.53 -23.36
CA GLU C 17 -23.90 -29.67 -22.68
C GLU C 17 -23.25 -28.45 -22.04
N GLY C 18 -21.93 -28.31 -22.13
CA GLY C 18 -21.25 -27.21 -21.46
C GLY C 18 -21.14 -27.45 -19.96
N PHE C 19 -20.57 -26.46 -19.28
CA PHE C 19 -20.34 -26.62 -17.85
C PHE C 19 -20.21 -25.25 -17.19
N GLU C 20 -20.34 -25.26 -15.88
CA GLU C 20 -20.13 -24.07 -15.09
C GLU C 20 -18.71 -24.07 -14.56
N PHE C 21 -18.14 -22.88 -14.43
CA PHE C 21 -16.77 -22.73 -13.98
C PHE C 21 -16.66 -21.38 -13.27
N ARG C 22 -15.51 -21.11 -12.70
CA ARG C 22 -15.27 -19.74 -12.27
C ARG C 22 -13.91 -19.26 -12.77
N ARG C 23 -13.89 -17.98 -13.17
CA ARG C 23 -12.71 -17.33 -13.68
C ARG C 23 -11.75 -16.99 -12.54
N HIS C 24 -10.46 -16.99 -12.86
CA HIS C 24 -9.48 -16.55 -11.88
C HIS C 24 -8.38 -15.76 -12.57
N SER C 25 -7.76 -14.89 -11.80
CA SER C 25 -6.57 -14.17 -12.22
C SER C 25 -5.37 -15.11 -12.22
N ASN C 26 -4.22 -14.59 -12.63
CA ASN C 26 -2.96 -15.30 -12.54
C ASN C 26 -2.20 -14.97 -11.26
N LEU C 27 -2.92 -14.59 -10.20
CA LEU C 27 -2.27 -14.16 -8.98
C LEU C 27 -1.53 -15.30 -8.30
N GLY C 28 -1.89 -16.55 -8.59
CA GLY C 28 -1.14 -17.71 -8.13
C GLY C 28 -2.03 -18.81 -7.58
N VAL C 29 -1.61 -20.04 -7.78
CA VAL C 29 -2.32 -21.19 -7.21
C VAL C 29 -1.91 -21.33 -5.76
N PRO C 30 -2.86 -21.45 -4.84
CA PRO C 30 -2.52 -21.65 -3.43
C PRO C 30 -2.09 -23.09 -3.20
N THR C 31 -1.54 -23.31 -2.01
CA THR C 31 -1.37 -24.68 -1.55
C THR C 31 -2.69 -25.20 -1.01
N LEU C 32 -2.73 -26.51 -0.75
CA LEU C 32 -3.91 -27.10 -0.13
C LEU C 32 -4.12 -26.51 1.25
N GLY C 33 -3.03 -26.23 1.96
CA GLY C 33 -3.16 -25.65 3.29
C GLY C 33 -3.72 -24.24 3.26
N GLU C 34 -3.29 -23.44 2.30
CA GLU C 34 -3.77 -22.06 2.23
C GLU C 34 -5.27 -22.01 1.93
N ARG C 35 -5.77 -22.90 1.06
CA ARG C 35 -7.20 -23.01 0.85
C ARG C 35 -7.91 -23.22 2.17
N LEU C 36 -7.41 -24.15 2.97
CA LEU C 36 -7.96 -24.40 4.29
C LEU C 36 -7.85 -23.14 5.17
N ASP C 37 -6.68 -22.51 5.16
CA ASP C 37 -6.48 -21.34 6.01
C ASP C 37 -7.49 -20.24 5.70
N SER C 38 -7.72 -19.98 4.41
CA SER C 38 -8.65 -18.90 4.02
C SER C 38 -10.03 -19.14 4.60
N LEU C 39 -10.58 -20.34 4.42
CA LEU C 39 -11.90 -20.63 4.96
C LEU C 39 -11.93 -20.43 6.47
N HIS C 40 -10.92 -20.93 7.17
CA HIS C 40 -10.90 -20.77 8.62
C HIS C 40 -10.81 -19.29 9.00
N GLU C 41 -9.97 -18.51 8.31
CA GLU C 41 -9.76 -17.12 8.69
C GLU C 41 -11.01 -16.26 8.44
N ILE C 42 -11.70 -16.50 7.33
CA ILE C 42 -12.99 -15.85 7.11
C ILE C 42 -13.95 -16.20 8.24
N LYS C 43 -14.07 -17.49 8.53
CA LYS C 43 -15.04 -17.96 9.50
C LYS C 43 -14.80 -17.38 10.89
N SER C 44 -13.53 -17.30 11.28
CA SER C 44 -13.19 -16.82 12.61
C SER C 44 -12.91 -15.31 12.69
N ALA C 45 -12.98 -14.57 11.58
CA ALA C 45 -12.61 -13.15 11.61
C ALA C 45 -13.58 -12.33 12.45
N ARG C 46 -13.02 -11.40 13.24
CA ARG C 46 -13.83 -10.46 13.99
C ARG C 46 -14.20 -9.29 13.09
N ARG C 47 -15.49 -9.00 13.01
CA ARG C 47 -15.95 -7.90 12.17
C ARG C 47 -15.65 -6.55 12.84
N MET C 48 -15.09 -5.63 12.06
CA MET C 48 -14.85 -4.24 12.48
C MET C 48 -15.18 -3.33 11.31
N ASP C 49 -15.82 -2.21 11.58
CA ASP C 49 -16.26 -1.38 10.46
C ASP C 49 -15.21 -0.37 10.00
N HIS C 50 -14.50 0.25 10.93
CA HIS C 50 -13.53 1.29 10.60
C HIS C 50 -12.43 1.29 11.65
N PHE C 51 -11.49 2.22 11.50
CA PHE C 51 -10.35 2.31 12.40
C PHE C 51 -10.06 3.75 12.81
N ASN C 52 -11.10 4.60 12.85
CA ASN C 52 -10.94 6.05 13.02
C ASN C 52 -10.10 6.49 14.22
#